data_1UZN
#
_entry.id   1UZN
#
_cell.length_a   81.539
_cell.length_b   117.111
_cell.length_c   51.869
_cell.angle_alpha   90.00
_cell.angle_beta   122.62
_cell.angle_gamma   90.00
#
_symmetry.space_group_name_H-M   'C 1 2 1'
#
loop_
_entity.id
_entity.type
_entity.pdbx_description
1 polymer '3-OXOACYL-[ACYL-CARRIER PROTEIN] REDUCTASE'
2 non-polymer 'CESIUM ION'
3 non-polymer 'NADP NICOTINAMIDE-ADENINE-DINUCLEOTIDE PHOSPHATE'
4 water water
#
_entity_poly.entity_id   1
_entity_poly.type   'polypeptide(L)'
_entity_poly.pdbx_seq_one_letter_code
;MTATATEGAKPPFVSRSVLVTGGNRGIGLAIAQRLAADGHKVAVTHRGSGAPKGLFGVEVDVTDSDAVDRAFTAVEEHQG
PVEVLVSNAGLSADAFLMRMTEEKFEKVINANLTGAFRVAQRASRSMQRNKFGRMIFIGSVSGLWGIGNQANYAASKAGV
IGMARSIARELSKANVTANVVAPGYIDTDMTRALDERIQQGALQFIPAKRVGTPAEVAGVVSFLASEDASYISGAVIPVD
GGMGMGH
;
_entity_poly.pdbx_strand_id   A,B
#
loop_
_chem_comp.id
_chem_comp.type
_chem_comp.name
_chem_comp.formula
CS non-polymer 'CESIUM ION' 'Cs 1'
NAP non-polymer 'NADP NICOTINAMIDE-ADENINE-DINUCLEOTIDE PHOSPHATE' 'C21 H28 N7 O17 P3'
#
# COMPACT_ATOMS: atom_id res chain seq x y z
N ALA A 9 -9.41 -11.96 12.16
CA ALA A 9 -10.28 -12.78 11.24
C ALA A 9 -10.35 -12.10 9.88
N LYS A 10 -10.22 -12.89 8.82
CA LYS A 10 -10.31 -12.35 7.45
C LYS A 10 -11.76 -12.05 7.11
N PRO A 11 -12.10 -10.81 6.79
CA PRO A 11 -13.50 -10.49 6.43
C PRO A 11 -14.00 -11.34 5.25
N PRO A 12 -15.26 -11.80 5.33
CA PRO A 12 -15.90 -12.52 4.21
C PRO A 12 -15.82 -11.74 2.90
N PHE A 13 -15.55 -12.43 1.80
CA PHE A 13 -15.50 -11.77 0.50
C PHE A 13 -16.87 -11.29 0.07
N VAL A 14 -16.91 -10.11 -0.54
CA VAL A 14 -18.11 -9.57 -1.16
C VAL A 14 -17.82 -9.34 -2.65
N SER A 15 -18.70 -9.84 -3.51
CA SER A 15 -18.59 -9.62 -4.95
C SER A 15 -19.06 -8.21 -5.22
N ARG A 16 -18.14 -7.36 -5.69
CA ARG A 16 -18.43 -5.94 -5.92
C ARG A 16 -18.61 -5.65 -7.40
N SER A 17 -19.42 -4.65 -7.70
CA SER A 17 -19.55 -4.14 -9.06
C SER A 17 -18.35 -3.23 -9.32
N VAL A 18 -17.54 -3.60 -10.30
CA VAL A 18 -16.26 -2.98 -10.55
C VAL A 18 -16.31 -2.34 -11.93
N LEU A 19 -15.85 -1.10 -12.02
CA LEU A 19 -15.54 -0.48 -13.31
C LEU A 19 -14.06 -0.14 -13.36
N VAL A 20 -13.37 -0.63 -14.38
CA VAL A 20 -11.98 -0.27 -14.64
C VAL A 20 -11.92 0.50 -15.95
N THR A 21 -11.60 1.80 -15.86
CA THR A 21 -11.40 2.63 -17.06
C THR A 21 -10.05 2.30 -17.69
N GLY A 22 -9.99 2.26 -19.01
CA GLY A 22 -8.82 1.78 -19.72
C GLY A 22 -8.49 0.35 -19.34
N GLY A 23 -9.53 -0.47 -19.17
CA GLY A 23 -9.38 -1.84 -18.70
C GLY A 23 -9.29 -2.90 -19.81
N ASN A 24 -9.11 -2.45 -21.04
CA ASN A 24 -9.09 -3.34 -22.21
C ASN A 24 -7.69 -3.75 -22.68
N ARG A 25 -6.66 -3.10 -22.14
CA ARG A 25 -5.28 -3.49 -22.47
C ARG A 25 -4.27 -3.08 -21.40
N GLY A 26 -3.06 -3.63 -21.50
CA GLY A 26 -1.96 -3.26 -20.64
C GLY A 26 -2.26 -3.51 -19.17
N ILE A 27 -1.86 -2.55 -18.32
CA ILE A 27 -2.03 -2.67 -16.87
C ILE A 27 -3.51 -2.78 -16.50
N GLY A 28 -4.33 -1.95 -17.13
CA GLY A 28 -5.76 -1.94 -16.91
C GLY A 28 -6.40 -3.30 -17.15
N LEU A 29 -6.01 -3.99 -18.20
CA LEU A 29 -6.49 -5.36 -18.50
C LEU A 29 -6.02 -6.37 -17.45
N ALA A 30 -4.75 -6.29 -17.05
CA ALA A 30 -4.23 -7.11 -15.95
C ALA A 30 -5.04 -6.88 -14.69
N ILE A 31 -5.37 -5.62 -14.40
CA ILE A 31 -6.19 -5.31 -13.23
C ILE A 31 -7.57 -5.93 -13.36
N ALA A 32 -8.19 -5.74 -14.50
CA ALA A 32 -9.55 -6.20 -14.70
C ALA A 32 -9.64 -7.73 -14.64
N GLN A 33 -8.64 -8.43 -15.16
CA GLN A 33 -8.68 -9.89 -15.13
C GLN A 33 -8.50 -10.40 -13.70
N ARG A 34 -7.62 -9.76 -12.95
CA ARG A 34 -7.39 -10.14 -11.56
C ARG A 34 -8.63 -9.90 -10.72
N LEU A 35 -9.27 -8.76 -10.89
CA LEU A 35 -10.47 -8.45 -10.14
C LEU A 35 -11.58 -9.44 -10.47
N ALA A 36 -11.62 -9.94 -11.71
CA ALA A 36 -12.66 -10.88 -12.11
C ALA A 36 -12.38 -12.28 -11.53
N ALA A 37 -11.12 -12.68 -11.50
CA ALA A 37 -10.67 -13.95 -10.88
C ALA A 37 -10.88 -13.93 -9.36
N ASP A 38 -10.83 -12.73 -8.76
CA ASP A 38 -11.09 -12.53 -7.34
C ASP A 38 -12.53 -12.83 -6.99
N GLY A 39 -13.44 -12.73 -7.95
CA GLY A 39 -14.85 -12.94 -7.67
C GLY A 39 -15.75 -11.74 -7.87
N HIS A 40 -15.19 -10.61 -8.30
CA HIS A 40 -15.96 -9.41 -8.54
C HIS A 40 -16.67 -9.45 -9.90
N LYS A 41 -17.67 -8.60 -10.06
CA LYS A 41 -18.33 -8.38 -11.35
C LYS A 41 -17.61 -7.22 -12.02
N VAL A 42 -16.89 -7.50 -13.10
CA VAL A 42 -15.96 -6.53 -13.68
C VAL A 42 -16.43 -6.03 -15.04
N ALA A 43 -16.55 -4.72 -15.14
CA ALA A 43 -16.77 -4.02 -16.40
C ALA A 43 -15.52 -3.19 -16.71
N VAL A 44 -15.25 -3.00 -17.99
CA VAL A 44 -14.15 -2.14 -18.43
C VAL A 44 -14.65 -1.11 -19.44
N THR A 45 -14.05 0.06 -19.44
CA THR A 45 -14.25 1.01 -20.52
C THR A 45 -13.19 0.80 -21.58
N HIS A 46 -13.52 1.26 -22.79
CA HIS A 46 -12.67 1.21 -23.97
C HIS A 46 -13.09 2.32 -24.94
N ARG A 47 -12.30 2.58 -25.98
CA ARG A 47 -12.71 3.57 -26.98
C ARG A 47 -12.99 2.99 -28.37
N GLY A 48 -13.49 1.75 -28.42
CA GLY A 48 -13.93 1.15 -29.67
C GLY A 48 -13.45 -0.28 -29.90
N SER A 49 -12.19 -0.55 -29.58
CA SER A 49 -11.58 -1.86 -29.79
C SER A 49 -12.38 -3.01 -29.16
N GLY A 50 -13.08 -2.70 -28.07
CA GLY A 50 -13.91 -3.66 -27.39
C GLY A 50 -13.28 -4.09 -26.09
N ALA A 51 -14.05 -4.85 -25.31
CA ALA A 51 -13.57 -5.47 -24.08
C ALA A 51 -13.36 -6.95 -24.39
N PRO A 52 -12.39 -7.57 -23.72
CA PRO A 52 -12.07 -8.98 -23.98
C PRO A 52 -13.07 -9.92 -23.33
N LYS A 53 -13.08 -11.18 -23.79
CA LYS A 53 -14.01 -12.20 -23.31
C LYS A 53 -13.97 -12.27 -21.80
N GLY A 54 -15.14 -12.35 -21.17
CA GLY A 54 -15.23 -12.46 -19.72
C GLY A 54 -15.17 -11.11 -19.02
N LEU A 55 -15.48 -10.06 -19.76
CA LEU A 55 -15.52 -8.71 -19.20
C LEU A 55 -16.57 -7.93 -19.96
N PHE A 56 -17.45 -7.26 -19.24
CA PHE A 56 -18.50 -6.45 -19.84
C PHE A 56 -17.87 -5.11 -20.24
N GLY A 57 -17.94 -4.76 -21.52
CA GLY A 57 -17.32 -3.55 -22.01
C GLY A 57 -18.31 -2.43 -22.22
N VAL A 58 -17.92 -1.21 -21.88
CA VAL A 58 -18.70 0.00 -22.19
C VAL A 58 -17.80 1.03 -22.87
N GLU A 59 -18.26 1.57 -23.99
CA GLU A 59 -17.47 2.50 -24.76
C GLU A 59 -17.56 3.92 -24.21
N VAL A 60 -16.44 4.49 -23.78
CA VAL A 60 -16.43 5.87 -23.32
C VAL A 60 -15.05 6.54 -23.46
N ASP A 61 -15.08 7.81 -23.84
CA ASP A 61 -13.92 8.67 -23.80
C ASP A 61 -14.09 9.48 -22.53
N VAL A 62 -13.12 9.41 -21.63
CA VAL A 62 -13.25 10.06 -20.32
C VAL A 62 -13.05 11.58 -20.37
N THR A 63 -12.81 12.15 -21.55
CA THR A 63 -12.90 13.61 -21.73
C THR A 63 -14.34 14.05 -21.99
N ASP A 64 -15.26 13.09 -22.13
CA ASP A 64 -16.66 13.36 -22.48
C ASP A 64 -17.53 13.05 -21.25
N SER A 65 -17.99 14.10 -20.57
CA SER A 65 -18.77 13.95 -19.33
C SER A 65 -20.10 13.23 -19.57
N ASP A 66 -20.73 13.48 -20.73
CA ASP A 66 -21.99 12.83 -21.11
C ASP A 66 -21.80 11.33 -21.37
N ALA A 67 -20.70 10.96 -22.02
CA ALA A 67 -20.36 9.55 -22.28
C ALA A 67 -20.01 8.79 -21.00
N VAL A 68 -19.42 9.48 -20.03
CA VAL A 68 -19.11 8.90 -18.75
C VAL A 68 -20.42 8.55 -18.03
N ASP A 69 -21.36 9.49 -18.05
CA ASP A 69 -22.68 9.29 -17.48
C ASP A 69 -23.37 8.05 -18.05
N ARG A 70 -23.38 7.91 -19.38
CA ARG A 70 -24.05 6.80 -20.05
C ARG A 70 -23.34 5.47 -19.78
N ALA A 71 -22.03 5.51 -19.60
CA ALA A 71 -21.25 4.30 -19.35
C ALA A 71 -21.64 3.73 -17.99
N PHE A 72 -21.72 4.60 -16.99
CA PHE A 72 -22.10 4.19 -15.64
C PHE A 72 -23.53 3.65 -15.58
N THR A 73 -24.41 4.19 -16.41
CA THR A 73 -25.80 3.72 -16.48
C THR A 73 -25.87 2.33 -17.11
N ALA A 74 -25.07 2.09 -18.14
CA ALA A 74 -25.00 0.76 -18.77
C ALA A 74 -24.37 -0.28 -17.82
N VAL A 75 -23.40 0.14 -17.00
CA VAL A 75 -22.84 -0.73 -15.98
C VAL A 75 -23.88 -1.02 -14.89
N GLU A 76 -24.58 0.01 -14.41
CA GLU A 76 -25.57 -0.19 -13.36
C GLU A 76 -26.65 -1.20 -13.78
N GLU A 77 -27.07 -1.12 -15.04
CA GLU A 77 -28.13 -2.01 -15.56
C GLU A 77 -27.65 -3.45 -15.69
N HIS A 78 -26.37 -3.62 -16.02
CA HIS A 78 -25.78 -4.93 -16.25
C HIS A 78 -25.47 -5.69 -14.95
N GLN A 79 -24.83 -5.01 -14.00
CA GLN A 79 -24.25 -5.68 -12.83
C GLN A 79 -24.43 -4.94 -11.50
N GLY A 80 -25.25 -3.89 -11.48
CA GLY A 80 -25.44 -3.09 -10.28
C GLY A 80 -24.53 -1.87 -10.27
N PRO A 81 -24.90 -0.82 -9.54
CA PRO A 81 -24.13 0.43 -9.54
C PRO A 81 -22.70 0.22 -9.10
N VAL A 82 -21.82 1.04 -9.64
CA VAL A 82 -20.40 0.88 -9.41
C VAL A 82 -20.05 1.09 -7.93
N GLU A 83 -19.50 0.05 -7.33
CA GLU A 83 -19.00 0.06 -5.97
C GLU A 83 -17.47 0.29 -5.91
N VAL A 84 -16.75 -0.30 -6.85
CA VAL A 84 -15.29 -0.17 -6.90
C VAL A 84 -14.94 0.44 -8.24
N LEU A 85 -14.37 1.63 -8.24
CA LEU A 85 -13.97 2.30 -9.47
C LEU A 85 -12.46 2.30 -9.52
N VAL A 86 -11.90 1.73 -10.57
CA VAL A 86 -10.47 1.81 -10.86
C VAL A 86 -10.29 2.75 -12.07
N SER A 87 -9.77 3.93 -11.80
CA SER A 87 -9.48 4.95 -12.79
C SER A 87 -8.03 4.82 -13.28
N ASN A 88 -7.87 4.18 -14.42
CA ASN A 88 -6.58 3.83 -15.00
C ASN A 88 -6.33 4.60 -16.30
N ALA A 89 -7.40 5.06 -16.94
CA ALA A 89 -7.33 5.68 -18.24
C ALA A 89 -6.27 6.77 -18.23
N GLY A 90 -5.18 6.53 -18.96
CA GLY A 90 -4.06 7.45 -18.98
C GLY A 90 -3.38 7.57 -20.34
N LEU A 91 -2.66 8.68 -20.50
CA LEU A 91 -1.81 8.88 -21.66
C LEU A 91 -0.76 9.94 -21.32
N SER A 92 0.29 9.98 -22.14
CA SER A 92 1.35 10.96 -21.96
C SER A 92 1.69 11.64 -23.28
N ALA A 93 2.16 12.88 -23.17
CA ALA A 93 2.70 13.63 -24.31
C ALA A 93 3.96 14.32 -23.80
N ASP A 94 5.03 13.54 -23.73
CA ASP A 94 6.31 13.98 -23.13
C ASP A 94 6.99 15.03 -23.98
N ALA A 95 7.64 15.99 -23.31
CA ALA A 95 8.51 16.96 -23.97
C ALA A 95 9.32 17.78 -22.95
N PHE A 96 10.45 18.32 -23.39
CA PHE A 96 11.13 19.37 -22.62
C PHE A 96 10.12 20.49 -22.37
N LEU A 97 10.18 21.11 -21.19
CA LEU A 97 9.28 22.21 -20.85
C LEU A 97 9.27 23.28 -21.93
N MET A 98 10.47 23.70 -22.30
CA MET A 98 10.73 24.65 -23.40
C MET A 98 9.96 24.28 -24.68
N ARG A 99 9.94 22.98 -24.98
CA ARG A 99 9.23 22.44 -26.14
C ARG A 99 7.72 22.22 -25.95
N MET A 100 7.27 22.08 -24.71
CA MET A 100 5.90 21.64 -24.46
C MET A 100 4.88 22.71 -24.82
N THR A 101 3.85 22.27 -25.53
CA THR A 101 2.79 23.16 -25.97
C THR A 101 1.64 23.17 -24.97
N GLU A 102 0.86 24.24 -25.02
CA GLU A 102 -0.41 24.29 -24.32
C GLU A 102 -1.26 23.07 -24.69
N GLU A 103 -1.23 22.69 -25.97
CA GLU A 103 -2.01 21.56 -26.49
C GLU A 103 -1.60 20.24 -25.84
N LYS A 104 -0.30 19.95 -25.85
CA LYS A 104 0.25 18.75 -25.18
C LYS A 104 -0.07 18.73 -23.69
N PHE A 105 0.00 19.89 -23.04
CA PHE A 105 -0.24 19.99 -21.60
C PHE A 105 -1.71 19.72 -21.28
N GLU A 106 -2.58 20.51 -21.89
CA GLU A 106 -4.02 20.43 -21.66
C GLU A 106 -4.62 19.08 -22.04
N LYS A 107 -4.12 18.47 -23.11
CA LYS A 107 -4.57 17.15 -23.55
C LYS A 107 -4.35 16.07 -22.49
N VAL A 108 -3.16 16.08 -21.90
CA VAL A 108 -2.81 15.09 -20.87
C VAL A 108 -3.57 15.43 -19.58
N ILE A 109 -3.67 16.70 -19.21
CA ILE A 109 -4.48 17.09 -18.07
C ILE A 109 -5.95 16.65 -18.20
N ASN A 110 -6.53 16.85 -19.37
CA ASN A 110 -7.96 16.61 -19.56
C ASN A 110 -8.31 15.13 -19.46
N ALA A 111 -7.48 14.27 -20.03
CA ALA A 111 -7.68 12.82 -19.99
C ALA A 111 -7.32 12.23 -18.62
N ASN A 112 -6.18 12.63 -18.07
CA ASN A 112 -5.64 11.95 -16.89
C ASN A 112 -6.20 12.48 -15.59
N LEU A 113 -6.42 13.80 -15.52
CA LEU A 113 -6.80 14.45 -14.28
C LEU A 113 -8.30 14.81 -14.29
N THR A 114 -8.73 15.60 -15.25
CA THR A 114 -10.16 15.90 -15.36
C THR A 114 -10.97 14.64 -15.67
N GLY A 115 -10.39 13.72 -16.43
CA GLY A 115 -11.04 12.45 -16.73
C GLY A 115 -11.25 11.62 -15.47
N ALA A 116 -10.26 11.61 -14.59
CA ALA A 116 -10.38 10.99 -13.28
C ALA A 116 -11.48 11.67 -12.46
N PHE A 117 -11.53 13.00 -12.49
CA PHE A 117 -12.62 13.73 -11.86
C PHE A 117 -13.99 13.28 -12.39
N ARG A 118 -14.13 13.21 -13.71
CA ARG A 118 -15.41 12.90 -14.32
C ARG A 118 -15.94 11.59 -13.80
N VAL A 119 -15.10 10.55 -13.79
CA VAL A 119 -15.55 9.23 -13.36
C VAL A 119 -15.78 9.15 -11.86
N ALA A 120 -14.94 9.80 -11.06
CA ALA A 120 -15.14 9.91 -9.61
C ALA A 120 -16.45 10.62 -9.25
N GLN A 121 -16.70 11.76 -9.86
CA GLN A 121 -17.90 12.54 -9.57
C GLN A 121 -19.17 11.76 -9.96
N ARG A 122 -19.14 11.07 -11.11
CA ARG A 122 -20.27 10.25 -11.55
C ARG A 122 -20.52 9.07 -10.60
N ALA A 123 -19.46 8.58 -9.97
CA ALA A 123 -19.57 7.43 -9.07
C ALA A 123 -20.11 7.80 -7.69
N SER A 124 -19.88 9.04 -7.28
CA SER A 124 -19.99 9.43 -5.88
C SER A 124 -21.36 9.33 -5.25
N ARG A 125 -22.40 9.78 -5.95
CA ARG A 125 -23.74 9.78 -5.38
C ARG A 125 -24.05 8.39 -4.84
N SER A 126 -23.99 7.42 -5.74
CA SER A 126 -24.42 6.06 -5.48
C SER A 126 -23.60 5.43 -4.38
N MET A 127 -22.31 5.75 -4.35
CA MET A 127 -21.41 5.23 -3.33
C MET A 127 -21.76 5.83 -1.97
N GLN A 128 -22.05 7.13 -1.94
CA GLN A 128 -22.43 7.81 -0.70
C GLN A 128 -23.75 7.30 -0.17
N ARG A 129 -24.69 7.11 -1.09
CA ARG A 129 -26.06 6.72 -0.77
C ARG A 129 -26.07 5.33 -0.15
N ASN A 130 -25.29 4.43 -0.74
CA ASN A 130 -25.23 3.04 -0.29
C ASN A 130 -24.22 2.82 0.84
N LYS A 131 -23.51 3.90 1.23
CA LYS A 131 -22.49 3.87 2.27
C LYS A 131 -21.40 2.82 1.97
N PHE A 132 -21.00 2.76 0.70
CA PHE A 132 -19.84 1.97 0.31
C PHE A 132 -19.27 2.49 -1.01
N GLY A 133 -17.98 2.77 -1.01
CA GLY A 133 -17.29 3.18 -2.21
C GLY A 133 -15.80 2.96 -2.08
N ARG A 134 -15.18 2.47 -3.15
CA ARG A 134 -13.74 2.37 -3.22
C ARG A 134 -13.32 2.98 -4.56
N MET A 135 -12.72 4.16 -4.51
CA MET A 135 -12.14 4.79 -5.68
C MET A 135 -10.64 4.56 -5.62
N ILE A 136 -10.10 3.94 -6.66
CA ILE A 136 -8.69 3.60 -6.75
C ILE A 136 -8.16 4.23 -8.02
N PHE A 137 -7.26 5.20 -7.87
CA PHE A 137 -6.71 5.93 -9.00
C PHE A 137 -5.32 5.39 -9.28
N ILE A 138 -5.05 5.07 -10.54
CA ILE A 138 -3.72 4.62 -10.91
C ILE A 138 -2.92 5.88 -11.27
N GLY A 139 -1.99 6.20 -10.39
CA GLY A 139 -1.19 7.41 -10.48
C GLY A 139 0.13 7.09 -11.13
N SER A 140 1.20 7.71 -10.61
CA SER A 140 2.57 7.46 -11.05
C SER A 140 3.58 7.94 -10.01
N VAL A 141 4.65 7.17 -9.88
CA VAL A 141 5.83 7.59 -9.16
C VAL A 141 6.26 9.01 -9.58
N SER A 142 6.11 9.29 -10.86
CA SER A 142 6.47 10.57 -11.46
C SER A 142 5.87 11.77 -10.73
N GLY A 143 4.63 11.64 -10.27
CA GLY A 143 3.93 12.70 -9.55
C GLY A 143 4.75 13.43 -8.50
N LEU A 144 5.34 12.69 -7.57
CA LEU A 144 6.13 13.29 -6.50
C LEU A 144 7.65 13.06 -6.63
N TRP A 145 8.06 12.20 -7.55
CA TRP A 145 9.46 11.91 -7.78
C TRP A 145 10.10 12.87 -8.78
N GLY A 146 9.31 13.36 -9.73
CA GLY A 146 9.83 14.21 -10.79
C GLY A 146 10.64 13.44 -11.82
N ILE A 147 9.98 13.02 -12.89
CA ILE A 147 10.68 12.56 -14.09
C ILE A 147 10.76 13.75 -15.04
N GLY A 148 11.92 13.95 -15.65
CA GLY A 148 12.12 15.02 -16.60
C GLY A 148 11.32 14.79 -17.87
N ASN A 149 10.99 15.87 -18.56
CA ASN A 149 10.22 15.84 -19.81
C ASN A 149 8.77 15.38 -19.62
N GLN A 150 8.28 15.47 -18.38
CA GLN A 150 6.94 15.02 -18.02
C GLN A 150 6.17 16.08 -17.25
N ALA A 151 6.26 17.35 -17.64
CA ALA A 151 5.60 18.40 -16.85
C ALA A 151 4.07 18.20 -16.82
N ASN A 152 3.52 17.81 -17.96
CA ASN A 152 2.09 17.51 -18.05
C ASN A 152 1.69 16.25 -17.31
N TYR A 153 2.41 15.15 -17.57
CA TYR A 153 2.11 13.87 -16.94
C TYR A 153 2.30 13.98 -15.42
N ALA A 154 3.42 14.53 -14.97
CA ALA A 154 3.67 14.71 -13.55
C ALA A 154 2.60 15.57 -12.90
N ALA A 155 2.19 16.65 -13.56
CA ALA A 155 1.14 17.51 -13.03
C ALA A 155 -0.18 16.75 -12.89
N SER A 156 -0.52 15.92 -13.87
CA SER A 156 -1.75 15.15 -13.83
C SER A 156 -1.74 14.13 -12.71
N LYS A 157 -0.61 13.46 -12.51
CA LYS A 157 -0.55 12.35 -11.57
C LYS A 157 -0.40 12.84 -10.13
N ALA A 158 0.27 13.99 -9.93
CA ALA A 158 0.27 14.67 -8.62
C ALA A 158 -1.09 15.24 -8.33
N GLY A 159 -1.74 15.74 -9.38
CA GLY A 159 -3.08 16.27 -9.27
C GLY A 159 -4.11 15.25 -8.80
N VAL A 160 -3.99 14.00 -9.26
CA VAL A 160 -4.96 13.00 -8.85
C VAL A 160 -4.77 12.71 -7.34
N ILE A 161 -3.55 12.84 -6.83
CA ILE A 161 -3.33 12.64 -5.39
C ILE A 161 -4.05 13.68 -4.60
N GLY A 162 -3.90 14.95 -5.00
CA GLY A 162 -4.64 16.04 -4.37
C GLY A 162 -6.15 15.82 -4.42
N MET A 163 -6.63 15.39 -5.58
CA MET A 163 -8.05 15.15 -5.77
C MET A 163 -8.54 14.03 -4.86
N ALA A 164 -7.80 12.92 -4.84
CA ALA A 164 -8.16 11.75 -4.05
C ALA A 164 -8.18 12.08 -2.57
N ARG A 165 -7.28 12.95 -2.12
CA ARG A 165 -7.21 13.33 -0.71
C ARG A 165 -8.36 14.23 -0.29
N SER A 166 -8.81 15.09 -1.19
CA SER A 166 -9.94 15.99 -0.90
C SER A 166 -11.21 15.14 -0.79
N ILE A 167 -11.35 14.20 -1.73
CA ILE A 167 -12.44 13.23 -1.70
C ILE A 167 -12.41 12.36 -0.44
N ALA A 168 -11.23 11.92 -0.03
CA ALA A 168 -11.10 11.09 1.18
C ALA A 168 -11.51 11.88 2.40
N ARG A 169 -11.08 13.14 2.47
CA ARG A 169 -11.41 14.00 3.61
C ARG A 169 -12.95 14.22 3.69
N GLU A 170 -13.62 14.24 2.54
CA GLU A 170 -15.04 14.55 2.49
C GLU A 170 -15.93 13.33 2.75
N LEU A 171 -15.58 12.20 2.14
CA LEU A 171 -16.51 11.08 2.02
C LEU A 171 -16.14 9.83 2.81
N SER A 172 -14.99 9.87 3.49
CA SER A 172 -14.52 8.73 4.28
C SER A 172 -15.52 8.38 5.40
N LYS A 173 -16.19 9.40 5.94
CA LYS A 173 -17.27 9.23 6.91
C LYS A 173 -18.45 8.41 6.38
N ALA A 174 -18.63 8.35 5.06
CA ALA A 174 -19.69 7.56 4.44
C ALA A 174 -19.20 6.18 3.95
N ASN A 175 -18.05 5.75 4.42
CA ASN A 175 -17.43 4.50 3.96
C ASN A 175 -17.10 4.53 2.45
N VAL A 176 -16.81 5.73 1.95
CA VAL A 176 -16.33 5.93 0.59
C VAL A 176 -14.90 6.44 0.69
N THR A 177 -13.94 5.59 0.33
CA THR A 177 -12.52 5.92 0.39
C THR A 177 -11.95 6.17 -1.00
N ALA A 178 -10.82 6.86 -1.01
CA ALA A 178 -10.15 7.21 -2.25
C ALA A 178 -8.67 7.05 -2.01
N ASN A 179 -8.07 6.15 -2.78
CA ASN A 179 -6.64 5.86 -2.69
C ASN A 179 -5.99 5.91 -4.07
N VAL A 180 -4.66 6.08 -4.08
CA VAL A 180 -3.87 6.06 -5.30
C VAL A 180 -2.85 4.97 -5.27
N VAL A 181 -2.74 4.24 -6.39
CA VAL A 181 -1.65 3.32 -6.61
C VAL A 181 -0.68 4.04 -7.55
N ALA A 182 0.59 4.16 -7.18
CA ALA A 182 1.60 4.88 -7.97
C ALA A 182 2.65 3.92 -8.49
N PRO A 183 2.42 3.33 -9.67
CA PRO A 183 3.39 2.41 -10.28
C PRO A 183 4.65 3.14 -10.70
N GLY A 184 5.79 2.46 -10.61
CA GLY A 184 7.03 2.90 -11.22
C GLY A 184 7.13 2.41 -12.65
N TYR A 185 8.31 1.98 -13.05
CA TYR A 185 8.48 1.38 -14.37
C TYR A 185 7.91 -0.04 -14.38
N ILE A 186 6.87 -0.21 -15.17
CA ILE A 186 6.18 -1.48 -15.36
C ILE A 186 6.36 -1.90 -16.81
N ASP A 187 6.64 -3.19 -17.01
CA ASP A 187 6.89 -3.74 -18.33
C ASP A 187 5.57 -3.82 -19.07
N THR A 188 5.42 -2.96 -20.07
CA THR A 188 4.27 -2.94 -20.95
C THR A 188 4.77 -3.05 -22.39
N ASP A 189 3.89 -2.83 -23.37
CA ASP A 189 4.32 -2.75 -24.76
C ASP A 189 5.11 -1.46 -25.04
N MET A 190 4.75 -0.36 -24.36
CA MET A 190 5.36 0.96 -24.63
C MET A 190 6.72 1.15 -23.95
N THR A 191 6.89 0.58 -22.75
CA THR A 191 8.17 0.62 -22.05
C THR A 191 9.17 -0.30 -22.77
N ARG A 192 8.64 -1.40 -23.30
CA ARG A 192 9.43 -2.39 -24.04
C ARG A 192 9.41 -2.12 -25.55
N ALA A 193 9.21 -0.86 -25.94
CA ALA A 193 9.32 -0.42 -27.33
C ALA A 193 10.52 0.50 -27.55
N LEU A 194 10.87 1.29 -26.53
CA LEU A 194 12.06 2.14 -26.57
C LEU A 194 13.32 1.30 -26.45
N ASP A 195 14.43 1.77 -27.01
CA ASP A 195 15.69 1.03 -26.99
C ASP A 195 16.24 0.85 -25.57
N GLU A 196 17.23 -0.02 -25.43
CA GLU A 196 17.77 -0.41 -24.11
C GLU A 196 18.52 0.70 -23.38
N ARG A 197 18.70 1.87 -24.01
CA ARG A 197 19.33 3.01 -23.37
C ARG A 197 18.51 3.59 -22.20
N ILE A 198 17.21 3.80 -22.44
CA ILE A 198 16.32 4.36 -21.41
C ILE A 198 15.83 3.30 -20.41
N GLN A 199 15.83 2.03 -20.84
CA GLN A 199 15.34 0.94 -20.02
C GLN A 199 16.37 0.51 -18.97
N GLN A 200 17.60 0.32 -19.43
CA GLN A 200 18.73 0.01 -18.55
C GLN A 200 19.06 1.23 -17.70
N GLY A 201 18.97 2.41 -18.30
CA GLY A 201 19.14 3.67 -17.60
C GLY A 201 18.18 3.84 -16.42
N ALA A 202 16.96 3.35 -16.56
CA ALA A 202 15.96 3.45 -15.50
C ALA A 202 16.23 2.48 -14.35
N LEU A 203 16.80 1.31 -14.65
CA LEU A 203 17.09 0.30 -13.63
C LEU A 203 18.05 0.82 -12.55
N GLN A 204 18.91 1.77 -12.92
CA GLN A 204 19.85 2.39 -11.99
C GLN A 204 19.14 3.07 -10.81
N PHE A 205 17.95 3.59 -11.06
CA PHE A 205 17.16 4.30 -10.05
C PHE A 205 16.16 3.41 -9.29
N ILE A 206 16.17 2.10 -9.53
CA ILE A 206 15.19 1.18 -8.91
C ILE A 206 15.94 0.23 -7.99
N PRO A 207 15.76 0.36 -6.67
CA PRO A 207 16.42 -0.55 -5.73
C PRO A 207 16.20 -2.03 -6.03
N ALA A 208 15.01 -2.42 -6.51
CA ALA A 208 14.77 -3.82 -6.93
C ALA A 208 15.63 -4.29 -8.10
N LYS A 209 16.13 -3.33 -8.90
CA LYS A 209 17.01 -3.61 -10.05
C LYS A 209 16.29 -4.44 -11.12
N ARG A 210 14.98 -4.24 -11.22
CA ARG A 210 14.20 -4.84 -12.29
C ARG A 210 12.93 -4.03 -12.50
N VAL A 211 12.32 -4.21 -13.66
CA VAL A 211 11.02 -3.61 -13.95
C VAL A 211 9.94 -4.41 -13.19
N GLY A 212 8.81 -3.77 -12.92
CA GLY A 212 7.66 -4.44 -12.33
C GLY A 212 6.80 -5.04 -13.42
N THR A 213 5.83 -5.87 -13.03
CA THR A 213 4.92 -6.51 -13.98
C THR A 213 3.53 -5.92 -13.81
N PRO A 214 2.70 -5.99 -14.86
CA PRO A 214 1.27 -5.67 -14.74
C PRO A 214 0.57 -6.42 -13.59
N ALA A 215 0.95 -7.67 -13.34
CA ALA A 215 0.32 -8.46 -12.27
C ALA A 215 0.65 -7.90 -10.89
N GLU A 216 1.85 -7.35 -10.72
CA GLU A 216 2.24 -6.77 -9.46
C GLU A 216 1.47 -5.48 -9.16
N VAL A 217 1.10 -4.74 -10.20
CA VAL A 217 0.19 -3.61 -10.03
C VAL A 217 -1.25 -4.12 -9.73
N ALA A 218 -1.69 -5.10 -10.49
CA ALA A 218 -3.02 -5.70 -10.32
C ALA A 218 -3.22 -6.26 -8.92
N GLY A 219 -2.17 -6.88 -8.35
CA GLY A 219 -2.25 -7.43 -7.01
C GLY A 219 -2.51 -6.39 -5.93
N VAL A 220 -1.96 -5.19 -6.10
CA VAL A 220 -2.21 -4.09 -5.15
C VAL A 220 -3.63 -3.55 -5.29
N VAL A 221 -4.09 -3.40 -6.53
CA VAL A 221 -5.48 -3.00 -6.76
C VAL A 221 -6.46 -3.99 -6.15
N SER A 222 -6.15 -5.29 -6.25
CA SER A 222 -6.98 -6.34 -5.67
C SER A 222 -7.11 -6.12 -4.18
N PHE A 223 -5.99 -5.81 -3.52
CA PHE A 223 -5.97 -5.56 -2.09
C PHE A 223 -6.88 -4.36 -1.78
N LEU A 224 -6.69 -3.27 -2.51
CA LEU A 224 -7.44 -2.05 -2.27
C LEU A 224 -8.94 -2.20 -2.58
N ALA A 225 -9.31 -3.14 -3.45
CA ALA A 225 -10.71 -3.47 -3.73
C ALA A 225 -11.29 -4.49 -2.75
N SER A 226 -10.49 -5.01 -1.84
CA SER A 226 -10.93 -6.07 -0.93
C SER A 226 -11.45 -5.48 0.37
N GLU A 227 -11.98 -6.36 1.21
CA GLU A 227 -12.51 -6.00 2.50
C GLU A 227 -11.41 -5.64 3.52
N ASP A 228 -10.18 -6.02 3.20
CA ASP A 228 -9.03 -5.73 4.05
C ASP A 228 -8.57 -4.29 3.98
N ALA A 229 -9.12 -3.53 3.04
CA ALA A 229 -8.64 -2.19 2.75
C ALA A 229 -9.50 -1.09 3.36
N SER A 230 -10.51 -1.45 4.15
CA SER A 230 -11.55 -0.53 4.66
C SER A 230 -11.07 0.73 5.41
N TYR A 231 -10.00 0.61 6.18
CA TYR A 231 -9.46 1.75 6.93
C TYR A 231 -8.26 2.45 6.26
N ILE A 232 -8.06 2.26 4.95
CA ILE A 232 -7.05 2.99 4.19
C ILE A 232 -7.82 4.02 3.34
N SER A 233 -7.53 5.30 3.56
CA SER A 233 -8.12 6.38 2.80
C SER A 233 -7.13 7.51 2.65
N GLY A 234 -7.00 8.00 1.43
CA GLY A 234 -6.07 9.07 1.11
C GLY A 234 -4.65 8.64 0.96
N ALA A 235 -4.41 7.34 0.83
CA ALA A 235 -3.08 6.81 0.70
C ALA A 235 -2.60 6.79 -0.74
N VAL A 236 -1.29 6.97 -0.89
CA VAL A 236 -0.58 6.75 -2.12
C VAL A 236 0.31 5.51 -1.91
N ILE A 237 -0.01 4.40 -2.56
CA ILE A 237 0.81 3.21 -2.42
C ILE A 237 1.69 3.04 -3.64
N PRO A 238 3.00 3.18 -3.45
CA PRO A 238 3.94 3.04 -4.56
C PRO A 238 4.20 1.56 -4.87
N VAL A 239 4.17 1.22 -6.15
CA VAL A 239 4.49 -0.14 -6.62
C VAL A 239 5.60 0.05 -7.65
N ASP A 240 6.81 0.22 -7.14
CA ASP A 240 7.94 0.74 -7.91
C ASP A 240 9.29 0.20 -7.52
N GLY A 241 9.33 -0.89 -6.76
CA GLY A 241 10.61 -1.50 -6.38
C GLY A 241 11.49 -0.57 -5.55
N GLY A 242 10.88 0.42 -4.91
CA GLY A 242 11.59 1.42 -4.14
C GLY A 242 12.02 2.70 -4.86
N MET A 243 11.69 2.84 -6.15
CA MET A 243 12.23 3.93 -6.95
C MET A 243 11.94 5.31 -6.38
N GLY A 244 10.71 5.51 -5.91
CA GLY A 244 10.19 6.82 -5.58
C GLY A 244 10.43 7.33 -4.17
N MET A 245 11.21 6.61 -3.36
CA MET A 245 11.45 7.01 -1.98
C MET A 245 12.01 8.43 -1.89
N GLY A 246 11.46 9.20 -0.95
CA GLY A 246 11.92 10.57 -0.75
C GLY A 246 10.89 11.41 -0.03
N HIS A 247 10.97 12.73 -0.27
CA HIS A 247 10.10 13.72 0.37
C HIS A 247 9.88 14.93 -0.56
N ALA B 9 -3.67 -11.87 -12.39
CA ALA B 9 -2.98 -13.21 -12.48
C ALA B 9 -2.34 -13.52 -11.13
N LYS B 10 -3.11 -14.10 -10.20
CA LYS B 10 -2.70 -14.22 -8.80
C LYS B 10 -1.61 -15.27 -8.55
N PRO B 11 -0.49 -14.86 -7.97
CA PRO B 11 0.62 -15.80 -7.73
C PRO B 11 0.23 -16.86 -6.70
N PRO B 12 0.72 -18.09 -6.85
CA PRO B 12 0.39 -19.17 -5.91
C PRO B 12 0.82 -18.85 -4.49
N PHE B 13 0.05 -19.29 -3.51
CA PHE B 13 0.41 -19.07 -2.11
C PHE B 13 1.64 -19.87 -1.71
N VAL B 14 2.44 -19.25 -0.85
CA VAL B 14 3.62 -19.88 -0.28
C VAL B 14 3.53 -19.75 1.24
N SER B 15 3.63 -20.88 1.95
CA SER B 15 3.65 -20.85 3.40
C SER B 15 5.01 -20.38 3.90
N ARG B 16 5.03 -19.17 4.46
CA ARG B 16 6.27 -18.57 4.94
C ARG B 16 6.44 -18.75 6.45
N SER B 17 7.68 -18.83 6.89
CA SER B 17 8.01 -18.86 8.30
C SER B 17 7.97 -17.40 8.76
N VAL B 18 7.10 -17.12 9.73
CA VAL B 18 6.77 -15.76 10.13
C VAL B 18 7.18 -15.55 11.58
N LEU B 19 7.81 -14.41 11.86
CA LEU B 19 8.00 -13.97 13.24
C LEU B 19 7.35 -12.61 13.42
N VAL B 20 6.39 -12.54 14.34
CA VAL B 20 5.75 -11.30 14.79
C VAL B 20 6.26 -10.99 16.18
N THR B 21 7.02 -9.89 16.32
CA THR B 21 7.46 -9.45 17.65
C THR B 21 6.34 -8.71 18.36
N GLY B 22 6.20 -8.93 19.67
CA GLY B 22 5.04 -8.48 20.42
C GLY B 22 3.74 -9.05 19.88
N GLY B 23 3.74 -10.33 19.54
CA GLY B 23 2.61 -10.96 18.89
C GLY B 23 1.58 -11.62 19.80
N ASN B 24 1.58 -11.26 21.09
CA ASN B 24 0.74 -11.91 22.08
C ASN B 24 -0.47 -11.09 22.53
N ARG B 25 -0.58 -9.85 22.09
CA ARG B 25 -1.75 -9.03 22.44
C ARG B 25 -1.99 -7.85 21.49
N GLY B 26 -3.16 -7.23 21.64
CA GLY B 26 -3.54 -6.08 20.85
C GLY B 26 -3.31 -6.34 19.37
N ILE B 27 -2.72 -5.37 18.68
CA ILE B 27 -2.50 -5.43 17.24
C ILE B 27 -1.60 -6.60 16.84
N GLY B 28 -0.55 -6.86 17.62
CA GLY B 28 0.38 -7.92 17.28
C GLY B 28 -0.27 -9.29 17.26
N LEU B 29 -1.17 -9.51 18.22
CA LEU B 29 -1.95 -10.75 18.28
C LEU B 29 -2.88 -10.89 17.07
N ALA B 30 -3.56 -9.80 16.71
CA ALA B 30 -4.42 -9.78 15.51
C ALA B 30 -3.64 -10.09 14.24
N ILE B 31 -2.42 -9.59 14.14
CA ILE B 31 -1.58 -9.87 12.98
C ILE B 31 -1.18 -11.34 12.97
N ALA B 32 -0.77 -11.83 14.14
CA ALA B 32 -0.30 -13.20 14.30
C ALA B 32 -1.40 -14.21 13.92
N GLN B 33 -2.61 -13.98 14.41
CA GLN B 33 -3.71 -14.89 14.14
C GLN B 33 -4.16 -14.84 12.69
N ARG B 34 -4.12 -13.65 12.08
CA ARG B 34 -4.44 -13.49 10.67
C ARG B 34 -3.42 -14.19 9.76
N LEU B 35 -2.14 -13.97 10.02
CA LEU B 35 -1.09 -14.62 9.23
C LEU B 35 -1.16 -16.14 9.39
N ALA B 36 -1.60 -16.60 10.57
CA ALA B 36 -1.79 -18.03 10.79
C ALA B 36 -2.98 -18.57 9.98
N ALA B 37 -4.04 -17.77 9.89
CA ALA B 37 -5.22 -18.17 9.09
C ALA B 37 -4.90 -18.14 7.60
N ASP B 38 -3.97 -17.28 7.21
CA ASP B 38 -3.55 -17.17 5.81
C ASP B 38 -2.85 -18.42 5.35
N GLY B 39 -2.30 -19.21 6.27
CA GLY B 39 -1.58 -20.42 5.91
C GLY B 39 -0.10 -20.40 6.22
N HIS B 40 0.39 -19.32 6.82
CA HIS B 40 1.80 -19.24 7.20
C HIS B 40 2.11 -20.04 8.47
N LYS B 41 3.39 -20.28 8.72
CA LYS B 41 3.88 -20.84 9.98
C LYS B 41 4.25 -19.68 10.90
N VAL B 42 3.46 -19.43 11.95
CA VAL B 42 3.58 -18.19 12.70
C VAL B 42 4.16 -18.38 14.12
N ALA B 43 5.30 -17.75 14.34
CA ALA B 43 5.92 -17.62 15.67
C ALA B 43 5.73 -16.22 16.17
N VAL B 44 5.63 -16.06 17.49
CA VAL B 44 5.56 -14.73 18.09
C VAL B 44 6.58 -14.61 19.23
N THR B 45 7.04 -13.39 19.47
CA THR B 45 7.78 -13.10 20.70
C THR B 45 6.85 -12.49 21.73
N HIS B 46 7.32 -12.50 22.98
CA HIS B 46 6.61 -11.95 24.12
C HIS B 46 7.61 -11.84 25.26
N ARG B 47 7.16 -11.50 26.46
CA ARG B 47 8.04 -11.59 27.63
C ARG B 47 7.32 -11.73 28.97
N GLY B 48 6.96 -12.96 29.30
CA GLY B 48 6.30 -13.28 30.56
C GLY B 48 4.84 -13.67 30.38
N SER B 49 4.09 -12.80 29.71
CA SER B 49 2.64 -12.98 29.55
C SER B 49 2.24 -14.27 28.84
N GLY B 50 3.11 -14.77 27.96
CA GLY B 50 2.88 -16.01 27.23
C GLY B 50 2.29 -15.80 25.85
N ALA B 51 2.38 -16.84 25.02
CA ALA B 51 1.88 -16.81 23.65
C ALA B 51 0.43 -17.33 23.56
N PRO B 52 -0.29 -16.97 22.50
CA PRO B 52 -1.64 -17.50 22.27
C PRO B 52 -1.64 -18.98 21.90
N LYS B 53 -2.75 -19.66 22.17
CA LYS B 53 -2.90 -21.08 21.86
C LYS B 53 -2.71 -21.33 20.38
N GLY B 54 -1.95 -22.36 20.05
CA GLY B 54 -1.75 -22.78 18.67
C GLY B 54 -0.40 -22.36 18.10
N LEU B 55 0.01 -21.13 18.41
CA LEU B 55 1.20 -20.52 17.80
C LEU B 55 2.44 -20.66 18.68
N PHE B 56 3.57 -20.84 18.01
CA PHE B 56 4.85 -21.00 18.67
C PHE B 56 5.27 -19.66 19.30
N GLY B 57 5.60 -19.70 20.60
CA GLY B 57 6.02 -18.51 21.32
C GLY B 57 7.46 -18.57 21.77
N VAL B 58 8.16 -17.43 21.70
CA VAL B 58 9.53 -17.32 22.19
C VAL B 58 9.67 -16.06 23.03
N GLU B 59 10.41 -16.16 24.13
CA GLU B 59 10.59 -15.01 25.01
C GLU B 59 11.76 -14.16 24.53
N VAL B 60 11.48 -12.90 24.21
CA VAL B 60 12.49 -11.90 23.85
C VAL B 60 12.15 -10.54 24.40
N ASP B 61 13.15 -9.88 24.96
CA ASP B 61 13.13 -8.44 25.18
C ASP B 61 13.97 -7.88 24.03
N VAL B 62 13.33 -7.10 23.15
CA VAL B 62 14.01 -6.60 21.95
C VAL B 62 15.10 -5.56 22.23
N THR B 63 15.38 -5.25 23.49
CA THR B 63 16.52 -4.41 23.86
C THR B 63 17.79 -5.24 24.08
N ASP B 64 17.64 -6.57 23.97
CA ASP B 64 18.71 -7.54 24.25
C ASP B 64 19.10 -8.25 22.95
N SER B 65 20.20 -7.80 22.33
CA SER B 65 20.68 -8.35 21.06
C SER B 65 20.97 -9.86 21.11
N ASP B 66 21.44 -10.36 22.26
CA ASP B 66 21.73 -11.78 22.40
C ASP B 66 20.45 -12.60 22.53
N ALA B 67 19.46 -12.05 23.22
CA ALA B 67 18.14 -12.67 23.33
C ALA B 67 17.39 -12.67 22.02
N VAL B 68 17.64 -11.66 21.19
CA VAL B 68 17.06 -11.61 19.85
C VAL B 68 17.71 -12.70 19.01
N ASP B 69 19.01 -12.91 19.18
CA ASP B 69 19.76 -13.95 18.47
C ASP B 69 19.24 -15.36 18.72
N ARG B 70 19.03 -15.72 19.99
CA ARG B 70 18.55 -17.06 20.32
C ARG B 70 17.04 -17.24 20.18
N ALA B 71 16.31 -16.16 19.93
CA ALA B 71 14.91 -16.28 19.58
C ALA B 71 14.84 -16.72 18.12
N PHE B 72 15.58 -16.04 17.25
CA PHE B 72 15.58 -16.38 15.84
C PHE B 72 16.03 -17.84 15.64
N THR B 73 17.06 -18.25 16.39
CA THR B 73 17.58 -19.61 16.35
C THR B 73 16.51 -20.61 16.75
N ALA B 74 15.84 -20.34 17.86
CA ALA B 74 14.73 -21.16 18.35
C ALA B 74 13.59 -21.25 17.32
N VAL B 75 13.32 -20.17 16.60
CA VAL B 75 12.30 -20.15 15.55
C VAL B 75 12.77 -20.95 14.33
N GLU B 76 14.05 -20.82 13.99
CA GLU B 76 14.62 -21.49 12.82
C GLU B 76 14.54 -23.00 12.99
N GLU B 77 14.69 -23.47 14.24
CA GLU B 77 14.62 -24.89 14.57
C GLU B 77 13.17 -25.37 14.51
N HIS B 78 12.25 -24.50 14.92
CA HIS B 78 10.84 -24.85 14.98
C HIS B 78 10.20 -24.84 13.59
N GLN B 79 10.45 -23.78 12.78
CA GLN B 79 9.71 -23.59 11.53
C GLN B 79 10.49 -22.98 10.34
N GLY B 80 11.82 -23.01 10.44
CA GLY B 80 12.62 -22.52 9.31
C GLY B 80 12.90 -21.05 9.44
N PRO B 81 14.00 -20.64 8.80
CA PRO B 81 14.45 -19.28 8.99
C PRO B 81 13.37 -18.27 8.66
N VAL B 82 13.36 -17.22 9.46
CA VAL B 82 12.34 -16.20 9.32
C VAL B 82 12.42 -15.63 7.91
N GLU B 83 11.30 -15.74 7.19
CA GLU B 83 11.17 -15.20 5.85
C GLU B 83 10.40 -13.90 5.88
N VAL B 84 9.41 -13.80 6.77
CA VAL B 84 8.64 -12.58 6.99
C VAL B 84 8.80 -12.17 8.44
N LEU B 85 9.31 -10.97 8.67
CA LEU B 85 9.49 -10.42 10.01
C LEU B 85 8.52 -9.24 10.15
N VAL B 86 7.68 -9.30 11.18
CA VAL B 86 6.76 -8.23 11.50
C VAL B 86 7.24 -7.69 12.85
N SER B 87 7.83 -6.50 12.79
CA SER B 87 8.36 -5.80 13.97
C SER B 87 7.27 -4.89 14.52
N ASN B 88 6.61 -5.38 15.56
CA ASN B 88 5.51 -4.72 16.21
C ASN B 88 5.90 -4.23 17.61
N ALA B 89 6.88 -4.89 18.22
CA ALA B 89 7.21 -4.68 19.61
C ALA B 89 7.55 -3.22 19.89
N GLY B 90 6.77 -2.62 20.77
CA GLY B 90 7.06 -1.28 21.23
C GLY B 90 6.31 -0.87 22.48
N LEU B 91 6.37 0.43 22.74
CA LEU B 91 5.78 1.03 23.92
C LEU B 91 5.91 2.54 23.84
N SER B 92 5.17 3.22 24.71
CA SER B 92 5.22 4.66 24.80
C SER B 92 5.57 5.08 26.22
N ALA B 93 5.94 6.36 26.34
CA ALA B 93 6.11 7.03 27.62
C ALA B 93 5.93 8.52 27.37
N ASP B 94 4.68 8.92 27.19
CA ASP B 94 4.36 10.28 26.76
C ASP B 94 4.69 11.31 27.85
N ALA B 95 5.10 12.49 27.42
CA ALA B 95 5.21 13.68 28.29
C ALA B 95 5.38 14.95 27.48
N PHE B 96 5.00 16.09 28.06
CA PHE B 96 5.40 17.38 27.50
C PHE B 96 6.92 17.36 27.35
N LEU B 97 7.46 17.97 26.29
CA LEU B 97 8.91 18.02 26.06
C LEU B 97 9.68 18.47 27.29
N MET B 98 9.25 19.58 27.89
CA MET B 98 9.92 20.13 29.08
C MET B 98 9.88 19.13 30.23
N ARG B 99 8.76 18.40 30.34
CA ARG B 99 8.57 17.34 31.33
C ARG B 99 9.28 16.01 31.03
N MET B 100 9.76 15.83 29.80
CA MET B 100 10.27 14.53 29.34
C MET B 100 11.73 14.31 29.73
N THR B 101 12.01 13.11 30.21
CA THR B 101 13.32 12.80 30.75
C THR B 101 14.19 12.08 29.72
N GLU B 102 15.49 12.21 29.89
CA GLU B 102 16.45 11.40 29.14
C GLU B 102 16.08 9.91 29.22
N GLU B 103 15.70 9.44 30.41
CA GLU B 103 15.37 8.03 30.60
C GLU B 103 14.14 7.64 29.79
N LYS B 104 13.09 8.47 29.84
CA LYS B 104 11.84 8.20 29.10
C LYS B 104 12.08 8.20 27.59
N PHE B 105 12.92 9.12 27.12
CA PHE B 105 13.22 9.19 25.70
C PHE B 105 14.00 7.96 25.24
N GLU B 106 15.07 7.65 25.96
CA GLU B 106 15.93 6.55 25.58
C GLU B 106 15.27 5.19 25.69
N LYS B 107 14.36 5.00 26.65
CA LYS B 107 13.69 3.69 26.80
C LYS B 107 12.78 3.40 25.63
N VAL B 108 12.10 4.43 25.13
CA VAL B 108 11.23 4.28 23.96
C VAL B 108 12.05 4.13 22.67
N ILE B 109 13.13 4.90 22.53
CA ILE B 109 14.03 4.74 21.40
C ILE B 109 14.63 3.34 21.39
N ASN B 110 15.13 2.87 22.53
CA ASN B 110 15.80 1.58 22.59
C ASN B 110 14.87 0.42 22.25
N ALA B 111 13.64 0.45 22.76
CA ALA B 111 12.65 -0.62 22.46
C ALA B 111 12.08 -0.50 21.06
N ASN B 112 11.69 0.70 20.65
CA ASN B 112 10.92 0.85 19.42
C ASN B 112 11.77 0.98 18.15
N LEU B 113 12.93 1.60 18.27
CA LEU B 113 13.74 1.90 17.10
C LEU B 113 14.95 0.97 17.06
N THR B 114 15.77 1.00 18.10
CA THR B 114 16.89 0.07 18.18
C THR B 114 16.45 -1.38 18.24
N GLY B 115 15.35 -1.66 18.93
CA GLY B 115 14.75 -2.99 18.91
C GLY B 115 14.34 -3.45 17.52
N ALA B 116 13.83 -2.53 16.71
CA ALA B 116 13.52 -2.84 15.31
C ALA B 116 14.79 -3.14 14.52
N PHE B 117 15.83 -2.33 14.74
CA PHE B 117 17.15 -2.61 14.17
C PHE B 117 17.64 -4.02 14.54
N ARG B 118 17.55 -4.40 15.82
CA ARG B 118 18.11 -5.68 16.30
C ARG B 118 17.49 -6.86 15.57
N VAL B 119 16.17 -6.86 15.40
CA VAL B 119 15.47 -7.96 14.73
C VAL B 119 15.71 -7.93 13.23
N ALA B 120 15.76 -6.74 12.63
CA ALA B 120 16.02 -6.60 11.20
C ALA B 120 17.43 -7.08 10.83
N GLN B 121 18.40 -6.72 11.64
CA GLN B 121 19.80 -7.11 11.43
C GLN B 121 19.93 -8.63 11.54
N ARG B 122 19.32 -9.19 12.59
CA ARG B 122 19.36 -10.62 12.82
C ARG B 122 18.67 -11.41 11.70
N ALA B 123 17.62 -10.82 11.13
CA ALA B 123 16.86 -11.42 10.05
C ALA B 123 17.63 -11.37 8.72
N SER B 124 18.41 -10.31 8.54
CA SER B 124 18.96 -9.96 7.21
C SER B 124 19.80 -11.04 6.51
N ARG B 125 20.67 -11.74 7.23
CA ARG B 125 21.61 -12.70 6.64
C ARG B 125 20.89 -13.79 5.85
N SER B 126 19.93 -14.44 6.52
CA SER B 126 19.20 -15.58 5.97
C SER B 126 18.27 -15.17 4.83
N MET B 127 17.73 -13.96 4.92
CA MET B 127 16.86 -13.41 3.88
C MET B 127 17.67 -13.07 2.64
N GLN B 128 18.84 -12.48 2.83
CA GLN B 128 19.74 -12.14 1.72
C GLN B 128 20.21 -13.39 0.98
N ARG B 129 20.58 -14.42 1.73
CA ARG B 129 21.16 -15.65 1.18
C ARG B 129 20.12 -16.52 0.46
N ASN B 130 18.88 -16.49 0.93
CA ASN B 130 17.78 -17.23 0.33
C ASN B 130 17.04 -16.39 -0.71
N LYS B 131 17.51 -15.16 -0.94
CA LYS B 131 16.94 -14.23 -1.90
C LYS B 131 15.43 -14.08 -1.70
N PHE B 132 15.03 -14.02 -0.43
CA PHE B 132 13.66 -13.68 -0.07
C PHE B 132 13.60 -13.12 1.34
N GLY B 133 12.95 -11.98 1.48
CA GLY B 133 12.72 -11.40 2.78
C GLY B 133 11.63 -10.36 2.72
N ARG B 134 10.78 -10.34 3.73
CA ARG B 134 9.78 -9.31 3.86
C ARG B 134 9.91 -8.79 5.28
N MET B 135 10.39 -7.56 5.43
CA MET B 135 10.43 -6.90 6.73
C MET B 135 9.27 -5.90 6.75
N ILE B 136 8.40 -6.05 7.73
CA ILE B 136 7.23 -5.22 7.86
C ILE B 136 7.26 -4.61 9.25
N PHE B 137 7.53 -3.31 9.32
CA PHE B 137 7.59 -2.61 10.59
C PHE B 137 6.28 -1.93 10.91
N ILE B 138 5.79 -2.09 12.13
CA ILE B 138 4.57 -1.43 12.54
C ILE B 138 5.02 -0.08 13.13
N GLY B 139 4.77 0.97 12.36
CA GLY B 139 5.10 2.33 12.75
C GLY B 139 3.94 3.01 13.44
N SER B 140 3.68 4.25 13.01
CA SER B 140 2.59 5.05 13.57
C SER B 140 2.37 6.34 12.78
N VAL B 141 1.11 6.72 12.68
CA VAL B 141 0.74 8.01 12.13
C VAL B 141 1.55 9.13 12.80
N SER B 142 1.87 8.98 14.08
CA SER B 142 2.60 9.99 14.84
C SER B 142 3.94 10.34 14.23
N GLY B 143 4.61 9.36 13.59
CA GLY B 143 5.93 9.59 13.01
C GLY B 143 6.01 10.86 12.17
N LEU B 144 5.14 10.98 11.17
CA LEU B 144 5.19 12.15 10.29
C LEU B 144 4.06 13.17 10.52
N TRP B 145 3.09 12.83 11.38
CA TRP B 145 1.97 13.72 11.68
C TRP B 145 2.28 14.59 12.89
N GLY B 146 3.00 14.05 13.85
CA GLY B 146 3.48 14.81 14.99
C GLY B 146 2.45 15.00 16.08
N ILE B 147 2.12 13.93 16.80
CA ILE B 147 1.23 14.01 17.97
C ILE B 147 2.00 14.66 19.13
N GLY B 148 1.38 15.67 19.75
CA GLY B 148 1.94 16.33 20.92
C GLY B 148 2.21 15.37 22.08
N ASN B 149 3.21 15.74 22.88
CA ASN B 149 3.62 14.95 24.05
C ASN B 149 4.21 13.56 23.76
N GLN B 150 4.65 13.33 22.52
CA GLN B 150 5.38 12.10 22.22
C GLN B 150 6.62 12.34 21.38
N ALA B 151 7.49 13.24 21.81
CA ALA B 151 8.75 13.47 21.14
C ALA B 151 9.56 12.17 21.02
N ASN B 152 9.46 11.30 22.03
CA ASN B 152 10.14 10.00 22.00
C ASN B 152 9.50 9.00 21.06
N TYR B 153 8.19 8.83 21.18
CA TYR B 153 7.42 7.94 20.31
C TYR B 153 7.51 8.32 18.83
N ALA B 154 7.27 9.59 18.56
CA ALA B 154 7.32 10.11 17.19
C ALA B 154 8.69 9.97 16.58
N ALA B 155 9.73 10.27 17.37
CA ALA B 155 11.12 10.04 16.91
C ALA B 155 11.36 8.57 16.56
N SER B 156 10.84 7.65 17.39
CA SER B 156 11.04 6.22 17.17
C SER B 156 10.34 5.75 15.91
N LYS B 157 9.11 6.19 15.71
CA LYS B 157 8.32 5.73 14.58
C LYS B 157 8.71 6.39 13.26
N ALA B 158 9.15 7.65 13.28
CA ALA B 158 9.75 8.25 12.09
C ALA B 158 11.08 7.61 11.76
N GLY B 159 11.87 7.31 12.79
CA GLY B 159 13.14 6.65 12.65
C GLY B 159 13.05 5.28 11.98
N VAL B 160 12.01 4.52 12.28
CA VAL B 160 11.85 3.22 11.67
C VAL B 160 11.59 3.40 10.17
N ILE B 161 10.97 4.51 9.76
CA ILE B 161 10.78 4.77 8.32
C ILE B 161 12.12 4.96 7.63
N GLY B 162 12.97 5.80 8.21
CA GLY B 162 14.31 6.02 7.68
C GLY B 162 15.09 4.72 7.63
N MET B 163 15.02 3.97 8.71
CA MET B 163 15.72 2.71 8.79
C MET B 163 15.25 1.77 7.69
N ALA B 164 13.93 1.64 7.53
CA ALA B 164 13.35 0.73 6.55
C ALA B 164 13.75 1.11 5.13
N ARG B 165 13.83 2.40 4.84
CA ARG B 165 14.18 2.87 3.51
C ARG B 165 15.63 2.69 3.16
N SER B 166 16.50 2.74 4.16
CA SER B 166 17.91 2.48 3.96
C SER B 166 18.08 0.99 3.61
N ILE B 167 17.39 0.14 4.37
CA ILE B 167 17.38 -1.30 4.16
C ILE B 167 16.79 -1.65 2.78
N ALA B 168 15.68 -1.02 2.41
CA ALA B 168 15.05 -1.20 1.12
C ALA B 168 16.00 -0.84 -0.02
N ARG B 169 16.75 0.25 0.13
CA ARG B 169 17.67 0.66 -0.93
C ARG B 169 18.86 -0.31 -1.06
N GLU B 170 19.23 -0.95 0.05
CA GLU B 170 20.37 -1.88 0.06
C GLU B 170 19.97 -3.26 -0.44
N LEU B 171 18.81 -3.75 -0.01
CA LEU B 171 18.51 -5.18 -0.05
C LEU B 171 17.38 -5.59 -1.00
N SER B 172 16.65 -4.62 -1.55
CA SER B 172 15.57 -4.89 -2.50
C SER B 172 16.06 -5.68 -3.74
N LYS B 173 17.30 -5.44 -4.15
CA LYS B 173 17.90 -6.17 -5.25
C LYS B 173 18.02 -7.68 -4.96
N ALA B 174 18.04 -8.04 -3.68
CA ALA B 174 18.08 -9.44 -3.25
C ALA B 174 16.69 -10.03 -2.98
N ASN B 175 15.64 -9.34 -3.42
CA ASN B 175 14.26 -9.70 -3.11
C ASN B 175 13.96 -9.65 -1.60
N VAL B 176 14.63 -8.72 -0.92
CA VAL B 176 14.39 -8.43 0.50
C VAL B 176 13.87 -7.00 0.62
N THR B 177 12.56 -6.87 0.85
CA THR B 177 11.90 -5.59 0.94
C THR B 177 11.64 -5.21 2.39
N ALA B 178 11.46 -3.91 2.58
CA ALA B 178 11.22 -3.34 3.90
C ALA B 178 10.14 -2.26 3.77
N ASN B 179 9.04 -2.44 4.49
CA ASN B 179 7.89 -1.57 4.39
C ASN B 179 7.41 -1.27 5.78
N VAL B 180 6.71 -0.14 5.93
CA VAL B 180 6.13 0.26 7.19
C VAL B 180 4.62 0.34 7.05
N VAL B 181 3.92 -0.23 8.02
CA VAL B 181 2.50 -0.01 8.23
C VAL B 181 2.37 1.03 9.33
N ALA B 182 1.65 2.12 9.06
CA ALA B 182 1.48 3.23 10.02
C ALA B 182 0.03 3.33 10.49
N PRO B 183 -0.33 2.61 11.55
CA PRO B 183 -1.70 2.68 12.05
C PRO B 183 -1.99 4.05 12.66
N GLY B 184 -3.23 4.49 12.59
CA GLY B 184 -3.69 5.64 13.31
C GLY B 184 -4.17 5.21 14.68
N TYR B 185 -5.34 5.70 15.08
CA TYR B 185 -5.95 5.29 16.34
C TYR B 185 -6.67 3.97 16.12
N ILE B 186 -6.22 2.95 16.84
CA ILE B 186 -6.77 1.60 16.75
C ILE B 186 -7.28 1.18 18.13
N ASP B 187 -8.53 0.73 18.17
CA ASP B 187 -9.18 0.31 19.39
C ASP B 187 -8.61 -1.02 19.86
N THR B 188 -7.77 -0.97 20.90
CA THR B 188 -7.16 -2.16 21.49
C THR B 188 -7.53 -2.31 22.97
N ALA B 202 -10.00 13.70 19.40
CA ALA B 202 -9.25 12.67 18.69
C ALA B 202 -9.95 12.23 17.40
N LEU B 203 -11.26 11.95 17.49
CA LEU B 203 -12.04 11.54 16.32
C LEU B 203 -12.22 12.69 15.31
N GLN B 204 -12.08 13.92 15.79
CA GLN B 204 -12.15 15.12 14.93
C GLN B 204 -11.04 15.14 13.87
N PHE B 205 -9.87 14.59 14.21
CA PHE B 205 -8.74 14.51 13.29
C PHE B 205 -8.86 13.37 12.27
N ILE B 206 -9.91 12.54 12.37
CA ILE B 206 -10.03 11.33 11.52
C ILE B 206 -11.20 11.40 10.53
N PRO B 207 -10.90 11.60 9.25
CA PRO B 207 -11.93 11.61 8.20
C PRO B 207 -12.98 10.49 8.27
N ALA B 208 -12.57 9.25 8.55
CA ALA B 208 -13.51 8.13 8.64
C ALA B 208 -14.48 8.27 9.80
N LYS B 209 -14.13 9.15 10.76
CA LYS B 209 -14.93 9.45 11.94
C LYS B 209 -15.18 8.20 12.79
N ARG B 210 -14.13 7.37 12.89
CA ARG B 210 -14.12 6.19 13.76
C ARG B 210 -12.68 5.68 13.91
N VAL B 211 -12.43 4.95 14.99
CA VAL B 211 -11.13 4.26 15.15
C VAL B 211 -11.11 3.00 14.31
N GLY B 212 -9.91 2.51 14.02
CA GLY B 212 -9.74 1.28 13.28
C GLY B 212 -9.75 0.09 14.22
N THR B 213 -9.85 -1.11 13.64
CA THR B 213 -9.79 -2.35 14.40
C THR B 213 -8.42 -2.99 14.20
N PRO B 214 -7.97 -3.78 15.17
CA PRO B 214 -6.79 -4.63 14.98
C PRO B 214 -6.87 -5.46 13.68
N ALA B 215 -8.04 -5.97 13.33
CA ALA B 215 -8.18 -6.75 12.11
C ALA B 215 -7.88 -5.90 10.88
N GLU B 216 -8.19 -4.61 10.96
CA GLU B 216 -7.90 -3.70 9.87
C GLU B 216 -6.41 -3.45 9.70
N VAL B 217 -5.63 -3.48 10.78
CA VAL B 217 -4.19 -3.47 10.66
C VAL B 217 -3.67 -4.82 10.14
N ALA B 218 -4.16 -5.92 10.72
CA ALA B 218 -3.75 -7.26 10.35
C ALA B 218 -3.93 -7.57 8.87
N GLY B 219 -4.99 -7.00 8.27
CA GLY B 219 -5.30 -7.27 6.88
C GLY B 219 -4.29 -6.66 5.93
N VAL B 220 -3.74 -5.51 6.34
CA VAL B 220 -2.68 -4.85 5.57
C VAL B 220 -1.37 -5.59 5.70
N VAL B 221 -1.08 -6.11 6.90
CA VAL B 221 0.14 -6.88 7.09
C VAL B 221 0.01 -8.17 6.28
N SER B 222 -1.20 -8.76 6.26
CA SER B 222 -1.45 -9.96 5.45
C SER B 222 -1.07 -9.69 4.00
N PHE B 223 -1.53 -8.55 3.48
CA PHE B 223 -1.20 -8.15 2.14
C PHE B 223 0.33 -8.02 1.95
N LEU B 224 1.01 -7.32 2.86
CA LEU B 224 2.46 -7.14 2.72
C LEU B 224 3.27 -8.45 2.83
N ALA B 225 2.72 -9.46 3.50
CA ALA B 225 3.38 -10.76 3.65
C ALA B 225 3.03 -11.71 2.50
N SER B 226 2.16 -11.27 1.60
CA SER B 226 1.67 -12.12 0.51
C SER B 226 2.56 -12.02 -0.74
N GLU B 227 2.31 -12.92 -1.69
CA GLU B 227 3.00 -12.89 -2.98
C GLU B 227 2.62 -11.68 -3.85
N ASP B 228 1.54 -11.00 -3.50
CA ASP B 228 1.12 -9.79 -4.22
C ASP B 228 1.90 -8.53 -3.92
N ALA B 229 2.72 -8.54 -2.88
CA ALA B 229 3.40 -7.29 -2.48
C ALA B 229 4.86 -7.22 -2.92
N SER B 230 5.24 -8.06 -3.87
CA SER B 230 6.65 -8.23 -4.26
C SER B 230 7.37 -6.98 -4.78
N TYR B 231 6.64 -6.11 -5.47
CA TYR B 231 7.23 -4.85 -6.00
C TYR B 231 7.00 -3.61 -5.13
N ILE B 232 6.60 -3.80 -3.88
CA ILE B 232 6.43 -2.69 -2.93
C ILE B 232 7.63 -2.76 -2.00
N SER B 233 8.40 -1.69 -1.93
CA SER B 233 9.56 -1.61 -1.04
C SER B 233 9.81 -0.16 -0.68
N GLY B 234 10.09 0.10 0.60
CA GLY B 234 10.29 1.47 1.11
C GLY B 234 9.03 2.27 1.36
N ALA B 235 7.89 1.58 1.31
CA ALA B 235 6.58 2.20 1.44
C ALA B 235 6.19 2.36 2.89
N VAL B 236 5.44 3.43 3.15
CA VAL B 236 4.72 3.67 4.38
C VAL B 236 3.23 3.63 4.01
N ILE B 237 2.51 2.64 4.53
CA ILE B 237 1.09 2.50 4.23
C ILE B 237 0.30 2.87 5.47
N PRO B 238 -0.44 3.98 5.37
CA PRO B 238 -1.22 4.49 6.50
C PRO B 238 -2.51 3.68 6.62
N VAL B 239 -2.84 3.26 7.82
CA VAL B 239 -4.07 2.52 8.09
C VAL B 239 -4.70 3.32 9.22
N ASP B 240 -5.31 4.44 8.85
CA ASP B 240 -5.67 5.47 9.82
C ASP B 240 -6.94 6.24 9.49
N GLY B 241 -7.76 5.70 8.59
CA GLY B 241 -8.99 6.35 8.15
C GLY B 241 -8.77 7.74 7.60
N GLY B 242 -7.60 7.99 7.00
CA GLY B 242 -7.25 9.29 6.47
C GLY B 242 -6.61 10.31 7.41
N MET B 243 -6.38 9.94 8.69
CA MET B 243 -5.94 10.92 9.69
C MET B 243 -4.63 11.64 9.34
N GLY B 244 -3.68 10.88 8.81
CA GLY B 244 -2.29 11.30 8.68
C GLY B 244 -1.91 12.06 7.42
N MET B 245 -2.88 12.30 6.54
CA MET B 245 -2.66 13.00 5.27
C MET B 245 -1.93 14.34 5.46
N GLY B 246 -0.93 14.58 4.63
CA GLY B 246 -0.11 15.77 4.76
C GLY B 246 1.22 15.64 4.03
N HIS B 247 2.18 16.47 4.44
CA HIS B 247 3.55 16.47 3.91
C HIS B 247 4.54 16.92 4.98
CS CS C . -15.95 -13.71 -11.99
PA NAP D . -1.60 2.29 -21.67
O1A NAP D . -0.92 3.54 -22.08
O2A NAP D . -1.04 1.05 -22.38
O5B NAP D . -3.17 2.45 -22.00
C5B NAP D . -3.88 3.58 -21.56
C4B NAP D . -5.32 3.16 -21.27
O4B NAP D . -6.10 4.30 -20.99
C3B NAP D . -5.94 2.51 -22.50
O3B NAP D . -6.73 1.41 -22.12
C2B NAP D . -6.75 3.63 -23.12
O2B NAP D . -7.88 3.21 -23.85
C1B NAP D . -7.14 4.46 -21.93
N9A NAP D . -7.34 5.88 -22.31
C8A NAP D . -6.36 6.80 -22.62
N7A NAP D . -6.97 7.98 -22.92
C5A NAP D . -8.30 7.81 -22.81
C6A NAP D . -9.37 8.68 -23.00
N6A NAP D . -9.17 9.99 -22.91
N1A NAP D . -10.65 8.18 -22.82
C2A NAP D . -10.88 6.88 -22.43
N3A NAP D . -9.82 6.03 -22.24
C4A NAP D . -8.55 6.49 -22.43
O3 NAP D . -1.57 2.13 -20.06
PN NAP D . -0.59 1.09 -19.30
O1N NAP D . 0.65 1.82 -18.94
O2N NAP D . -0.51 -0.17 -20.06
P2B NAP D . -7.92 3.25 -25.46
O1X NAP D . -8.89 4.27 -25.88
O2X NAP D . -8.39 1.87 -25.95
O3X NAP D . -6.55 3.63 -26.05
CS CS E . -10.18 -17.19 -7.15
CS CS F . -1.99 -22.49 10.24
CS CS G . -8.09 -19.45 5.32
#